data_9H8D
#
_entry.id   9H8D
#
_cell.length_a   78.574
_cell.length_b   67.538
_cell.length_c   60.260
_cell.angle_alpha   90.00
_cell.angle_beta   95.75
_cell.angle_gamma   90.00
#
_symmetry.space_group_name_H-M   'C 1 2 1'
#
loop_
_entity.id
_entity.type
_entity.pdbx_description
1 polymer 'Mitogen-activated protein kinase kinase kinase kinase 1'
2 non-polymer 6-(1-methylbenzimidazol-4-yl)-3-[(4-morpholin-4-ylphenyl)amino]pyrazine-2-carboxamide
3 water water
#
_entity_poly.entity_id   1
_entity_poly.type   'polypeptide(L)'
_entity_poly.pdbx_seq_one_letter_code
;GSDVVDPDIFNRDPRDHYDLLQRLGGGTYGEVFKARDKVSGDLVALKMVKMEPDDDVSTLQKEILILKTCRHANIVAYHG
SYLWLQKLWICMEFCGAGSLQDIYQVTGSLSELQISYVCREVLQGLAYLHSQKKIHRDIKGANILINDAGEVRLADFGIS
AQIGAELARRLEFIGTPYWMAPEVAAVALKGGYNELCDIWSLGITAIELAELQPPLFDVHPLRVLFLMTKSGYQPPRLKE
KGKWSAAFHNFIKVTLTKSPKKRPSATKMLSHQLVSQPGLNRGLILDLLDKLKN
;
_entity_poly.pdbx_strand_id   A
#
loop_
_chem_comp.id
_chem_comp.type
_chem_comp.name
_chem_comp.formula
A1ITC non-polymer 6-(1-methylbenzimidazol-4-yl)-3-[(4-morpholin-4-ylphenyl)amino]pyrazine-2-carboxamide 'C23 H23 N7 O2'
#
# COMPACT_ATOMS: atom_id res chain seq x y z
N ASP A 8 9.34 16.09 -18.70
CA ASP A 8 8.64 15.09 -17.87
C ASP A 8 9.50 13.83 -17.69
N ILE A 9 10.11 13.35 -18.80
CA ILE A 9 10.96 12.16 -18.78
C ILE A 9 12.32 12.52 -19.32
N PHE A 10 13.31 12.59 -18.43
CA PHE A 10 14.66 12.96 -18.83
C PHE A 10 15.36 11.86 -19.59
N ASN A 11 16.11 12.26 -20.60
CA ASN A 11 16.92 11.40 -21.44
C ASN A 11 18.35 11.46 -20.90
N ARG A 12 18.52 11.09 -19.63
CA ARG A 12 19.85 11.09 -19.02
C ARG A 12 19.94 10.12 -17.84
N ASP A 13 21.17 9.81 -17.42
CA ASP A 13 21.42 8.92 -16.29
C ASP A 13 20.96 9.67 -15.04
N PRO A 14 20.13 9.06 -14.17
CA PRO A 14 19.74 9.75 -12.92
C PRO A 14 20.96 10.12 -12.07
N ARG A 15 22.10 9.42 -12.26
CA ARG A 15 23.37 9.72 -11.58
C ARG A 15 23.90 11.12 -11.91
N ASP A 16 23.42 11.74 -13.00
CA ASP A 16 23.87 13.10 -13.35
C ASP A 16 23.32 14.12 -12.36
N HIS A 17 22.10 13.88 -11.84
CA HIS A 17 21.39 14.75 -10.91
C HIS A 17 21.35 14.23 -9.47
N TYR A 18 21.56 12.91 -9.27
CA TYR A 18 21.48 12.32 -7.93
C TYR A 18 22.67 11.45 -7.55
N ASP A 19 23.03 11.49 -6.26
CA ASP A 19 24.04 10.62 -5.68
C ASP A 19 23.23 9.43 -5.14
N LEU A 20 23.43 8.25 -5.72
CA LEU A 20 22.75 7.06 -5.26
C LEU A 20 23.35 6.62 -3.95
N LEU A 21 22.50 6.39 -2.97
CA LEU A 21 22.89 5.91 -1.65
C LEU A 21 22.37 4.46 -1.49
N GLN A 22 22.06 4.00 -0.28
CA GLN A 22 21.63 2.62 -0.04
C GLN A 22 20.39 2.16 -0.80
N ARG A 23 20.32 0.86 -1.02
CA ARG A 23 19.16 0.22 -1.57
C ARG A 23 18.19 0.14 -0.39
N LEU A 24 16.97 0.65 -0.59
CA LEU A 24 15.93 0.66 0.45
C LEU A 24 15.10 -0.63 0.44
N GLY A 25 14.92 -1.23 -0.73
CA GLY A 25 14.16 -2.46 -0.85
C GLY A 25 13.75 -2.74 -2.28
N GLY A 26 12.86 -3.71 -2.44
CA GLY A 26 12.41 -4.08 -3.77
C GLY A 26 11.37 -5.17 -3.79
N GLY A 27 10.84 -5.42 -4.97
CA GLY A 27 9.87 -6.46 -5.22
C GLY A 27 9.44 -6.48 -6.67
N THR A 28 8.24 -7.03 -6.95
CA THR A 28 7.71 -7.04 -8.32
C THR A 28 7.55 -5.61 -8.88
N TYR A 29 7.45 -4.61 -8.02
CA TYR A 29 7.34 -3.23 -8.44
C TYR A 29 8.66 -2.60 -8.90
N GLY A 30 9.80 -3.24 -8.61
CA GLY A 30 11.10 -2.69 -8.97
C GLY A 30 12.06 -2.64 -7.78
N GLU A 31 13.16 -1.87 -7.92
CA GLU A 31 14.19 -1.73 -6.86
C GLU A 31 14.20 -0.29 -6.42
N VAL A 32 14.11 -0.01 -5.12
CA VAL A 32 14.06 1.35 -4.62
C VAL A 32 15.37 1.71 -3.95
N PHE A 33 15.91 2.90 -4.24
CA PHE A 33 17.15 3.41 -3.70
C PHE A 33 16.94 4.77 -3.03
N LYS A 34 17.70 5.03 -1.99
CA LYS A 34 17.69 6.34 -1.34
C LYS A 34 18.70 7.17 -2.15
N ALA A 35 18.38 8.43 -2.46
CA ALA A 35 19.28 9.27 -3.24
C ALA A 35 19.31 10.71 -2.74
N ARG A 36 20.41 11.42 -3.03
CA ARG A 36 20.54 12.80 -2.62
C ARG A 36 20.72 13.68 -3.84
N ASP A 37 19.96 14.78 -3.93
CA ASP A 37 20.11 15.74 -5.03
C ASP A 37 21.48 16.37 -4.94
N LYS A 38 22.23 16.33 -6.05
CA LYS A 38 23.58 16.86 -6.06
C LYS A 38 23.67 18.35 -5.79
N VAL A 39 22.62 19.11 -6.17
CA VAL A 39 22.67 20.56 -6.00
C VAL A 39 22.06 21.03 -4.67
N SER A 40 20.84 20.58 -4.37
CA SER A 40 20.13 21.00 -3.17
C SER A 40 20.45 20.19 -1.91
N GLY A 41 20.87 18.94 -2.09
CA GLY A 41 21.17 18.07 -0.96
C GLY A 41 19.95 17.37 -0.38
N ASP A 42 18.76 17.59 -0.99
CA ASP A 42 17.52 16.99 -0.51
C ASP A 42 17.49 15.50 -0.81
N LEU A 43 16.86 14.72 0.07
CA LEU A 43 16.77 13.27 -0.14
C LEU A 43 15.51 12.94 -0.91
N VAL A 44 15.60 11.91 -1.75
CA VAL A 44 14.48 11.40 -2.53
C VAL A 44 14.59 9.85 -2.55
N ALA A 45 13.59 9.19 -3.12
CA ALA A 45 13.65 7.77 -3.37
C ALA A 45 13.63 7.62 -4.91
N LEU A 46 14.39 6.67 -5.44
CA LEU A 46 14.38 6.39 -6.87
C LEU A 46 13.99 4.95 -7.01
N LYS A 47 12.91 4.66 -7.76
CA LYS A 47 12.50 3.30 -8.02
C LYS A 47 12.91 2.96 -9.46
N MET A 48 13.74 1.94 -9.65
CA MET A 48 14.21 1.51 -10.95
C MET A 48 13.42 0.27 -11.39
N VAL A 49 12.96 0.25 -12.64
CA VAL A 49 12.27 -0.88 -13.22
C VAL A 49 12.95 -1.19 -14.55
N LYS A 50 13.19 -2.47 -14.83
CA LYS A 50 13.82 -2.87 -16.08
C LYS A 50 12.77 -2.86 -17.21
N MET A 51 13.08 -2.17 -18.31
CA MET A 51 12.19 -2.08 -19.47
C MET A 51 12.38 -3.26 -20.42
N GLU A 52 11.29 -3.72 -21.02
CA GLU A 52 11.28 -4.82 -21.98
C GLU A 52 11.00 -4.31 -23.43
N PRO A 53 11.24 -5.12 -24.48
CA PRO A 53 10.98 -4.64 -25.86
C PRO A 53 9.53 -4.18 -26.14
N ASP A 54 8.58 -4.55 -25.26
CA ASP A 54 7.19 -4.12 -25.44
C ASP A 54 6.87 -2.79 -24.75
N ASP A 55 7.73 -2.34 -23.80
CA ASP A 55 7.51 -1.07 -23.13
C ASP A 55 7.92 0.06 -24.07
N ASP A 56 7.01 0.48 -24.95
CA ASP A 56 7.27 1.56 -25.91
C ASP A 56 7.17 2.94 -25.24
N VAL A 57 7.80 3.99 -25.84
CA VAL A 57 7.79 5.30 -25.21
C VAL A 57 6.43 5.98 -25.25
N SER A 58 5.55 5.61 -26.21
CA SER A 58 4.20 6.20 -26.28
C SER A 58 3.39 5.73 -25.07
N THR A 59 3.52 4.44 -24.70
CA THR A 59 2.83 3.89 -23.54
C THR A 59 3.44 4.47 -22.27
N LEU A 60 4.79 4.59 -22.23
CA LEU A 60 5.52 5.16 -21.08
C LEU A 60 5.03 6.59 -20.81
N GLN A 61 4.92 7.40 -21.88
CA GLN A 61 4.47 8.79 -21.83
C GLN A 61 3.06 8.88 -21.27
N LYS A 62 2.17 7.99 -21.73
CA LYS A 62 0.79 7.91 -21.29
C LYS A 62 0.72 7.61 -19.80
N GLU A 63 1.51 6.62 -19.33
CA GLU A 63 1.48 6.25 -17.92
C GLU A 63 2.16 7.28 -17.01
N ILE A 64 3.19 8.00 -17.51
CA ILE A 64 3.89 9.04 -16.77
C ILE A 64 2.97 10.22 -16.51
N LEU A 65 2.13 10.60 -17.50
CA LEU A 65 1.17 11.69 -17.28
C LEU A 65 0.18 11.34 -16.15
N ILE A 66 -0.21 10.06 -16.04
CA ILE A 66 -1.10 9.62 -14.99
C ILE A 66 -0.39 9.69 -13.63
N LEU A 67 0.88 9.28 -13.57
CA LEU A 67 1.72 9.33 -12.37
C LEU A 67 1.86 10.78 -11.86
N LYS A 68 1.96 11.73 -12.78
CA LYS A 68 2.10 13.15 -12.52
C LYS A 68 0.78 13.84 -12.12
N THR A 69 -0.37 13.31 -12.58
CA THR A 69 -1.66 13.93 -12.27
C THR A 69 -2.38 13.27 -11.07
N CYS A 70 -2.01 12.04 -10.71
CA CYS A 70 -2.63 11.36 -9.57
C CYS A 70 -1.96 11.87 -8.31
N ARG A 71 -2.44 12.98 -7.75
CA ARG A 71 -1.85 13.57 -6.57
C ARG A 71 -2.78 13.67 -5.35
N HIS A 72 -2.33 13.18 -4.20
CA HIS A 72 -3.10 13.27 -2.96
C HIS A 72 -2.11 13.29 -1.80
N ALA A 73 -2.45 13.99 -0.72
CA ALA A 73 -1.58 14.07 0.45
C ALA A 73 -1.22 12.70 1.04
N ASN A 74 -2.09 11.69 0.92
CA ASN A 74 -1.87 10.35 1.44
C ASN A 74 -1.28 9.38 0.41
N ILE A 75 -0.69 9.90 -0.69
CA ILE A 75 -0.01 9.07 -1.67
C ILE A 75 1.36 9.68 -1.87
N VAL A 76 2.44 8.84 -1.88
CA VAL A 76 3.82 9.32 -2.08
C VAL A 76 3.89 10.18 -3.37
N ALA A 77 4.34 11.43 -3.25
CA ALA A 77 4.39 12.35 -4.38
C ALA A 77 5.44 11.97 -5.41
N TYR A 78 5.05 12.01 -6.68
CA TYR A 78 5.92 11.77 -7.83
C TYR A 78 6.70 13.06 -8.10
N HIS A 79 8.01 12.98 -8.36
CA HIS A 79 8.84 14.17 -8.60
C HIS A 79 9.30 14.30 -10.05
N GLY A 80 9.56 13.18 -10.70
CA GLY A 80 10.09 13.15 -12.06
C GLY A 80 10.56 11.77 -12.47
N SER A 81 11.03 11.63 -13.72
CA SER A 81 11.50 10.32 -14.19
C SER A 81 12.61 10.42 -15.23
N TYR A 82 13.42 9.35 -15.35
CA TYR A 82 14.55 9.23 -16.25
C TYR A 82 14.46 7.87 -16.94
N LEU A 83 14.76 7.83 -18.25
CA LEU A 83 14.79 6.58 -19.00
C LEU A 83 16.20 6.48 -19.54
N TRP A 84 16.97 5.51 -19.05
CA TRP A 84 18.38 5.39 -19.42
C TRP A 84 18.80 3.94 -19.42
N LEU A 85 19.47 3.50 -20.51
CA LEU A 85 20.00 2.15 -20.69
C LEU A 85 18.99 1.04 -20.37
N GLN A 86 17.75 1.19 -20.86
CA GLN A 86 16.64 0.24 -20.69
C GLN A 86 16.17 0.11 -19.23
N LYS A 87 16.31 1.20 -18.46
CA LYS A 87 15.88 1.20 -17.08
C LYS A 87 15.11 2.48 -16.84
N LEU A 88 13.89 2.37 -16.31
CA LEU A 88 13.09 3.54 -16.01
C LEU A 88 13.26 3.82 -14.53
N TRP A 89 13.61 5.06 -14.19
CA TRP A 89 13.78 5.46 -12.81
C TRP A 89 12.72 6.47 -12.45
N ILE A 90 11.95 6.20 -11.41
CA ILE A 90 10.93 7.11 -10.95
C ILE A 90 11.40 7.78 -9.68
N CYS A 91 11.47 9.11 -9.69
CA CYS A 91 11.88 9.89 -8.55
C CYS A 91 10.64 10.25 -7.74
N MET A 92 10.67 10.02 -6.43
CA MET A 92 9.50 10.28 -5.59
C MET A 92 9.89 10.76 -4.19
N GLU A 93 8.90 11.19 -3.37
CA GLU A 93 9.23 11.65 -2.01
C GLU A 93 9.82 10.51 -1.18
N PHE A 94 10.80 10.86 -0.35
CA PHE A 94 11.47 9.90 0.51
C PHE A 94 10.73 9.81 1.86
N CYS A 95 10.30 8.61 2.22
CA CYS A 95 9.62 8.39 3.48
C CYS A 95 10.59 7.72 4.45
N GLY A 96 11.21 8.55 5.29
CA GLY A 96 12.28 8.18 6.20
C GLY A 96 12.10 6.94 7.06
N ALA A 97 10.88 6.69 7.57
CA ALA A 97 10.68 5.53 8.44
C ALA A 97 10.36 4.22 7.71
N GLY A 98 10.29 4.27 6.38
CA GLY A 98 9.97 3.08 5.61
C GLY A 98 8.52 2.68 5.75
N SER A 99 8.22 1.40 5.51
CA SER A 99 6.82 0.94 5.58
C SER A 99 6.38 0.60 6.99
N LEU A 100 5.06 0.43 7.20
CA LEU A 100 4.55 0.00 8.50
C LEU A 100 5.08 -1.39 8.84
N GLN A 101 5.31 -2.26 7.82
CA GLN A 101 5.95 -3.55 8.09
C GLN A 101 7.38 -3.37 8.64
N ASP A 102 8.21 -2.49 8.04
CA ASP A 102 9.57 -2.23 8.55
C ASP A 102 9.51 -1.74 10.01
N ILE A 103 8.48 -0.92 10.32
CA ILE A 103 8.30 -0.41 11.66
C ILE A 103 7.84 -1.48 12.63
N TYR A 104 6.71 -2.20 12.37
CA TYR A 104 6.20 -3.14 13.33
C TYR A 104 7.12 -4.37 13.53
N GLN A 105 8.04 -4.64 12.57
CA GLN A 105 9.05 -5.70 12.71
C GLN A 105 10.23 -5.25 13.63
N VAL A 106 10.09 -4.08 14.26
CA VAL A 106 11.01 -3.56 15.25
C VAL A 106 10.21 -3.28 16.53
N THR A 107 9.15 -2.45 16.44
CA THR A 107 8.33 -2.01 17.57
C THR A 107 7.39 -3.04 18.19
N GLY A 108 6.93 -4.00 17.42
CA GLY A 108 5.85 -4.89 17.86
C GLY A 108 4.51 -4.26 17.47
N SER A 109 3.40 -4.84 17.95
CA SER A 109 2.06 -4.44 17.49
C SER A 109 1.73 -2.98 17.75
N LEU A 110 1.00 -2.36 16.80
CA LEU A 110 0.59 -0.96 16.98
C LEU A 110 -0.58 -0.91 17.98
N SER A 111 -0.76 0.22 18.66
CA SER A 111 -1.90 0.37 19.57
C SER A 111 -3.19 0.57 18.73
N GLU A 112 -4.36 0.44 19.37
CA GLU A 112 -5.62 0.60 18.66
C GLU A 112 -5.74 2.01 18.06
N LEU A 113 -5.25 3.04 18.80
CA LEU A 113 -5.30 4.42 18.34
C LEU A 113 -4.36 4.63 17.16
N GLN A 114 -3.17 4.02 17.20
CA GLN A 114 -2.23 4.14 16.06
C GLN A 114 -2.84 3.50 14.81
N ILE A 115 -3.44 2.32 14.96
CA ILE A 115 -4.09 1.64 13.83
C ILE A 115 -5.25 2.49 13.30
N SER A 116 -6.03 3.10 14.20
CA SER A 116 -7.17 3.94 13.79
C SER A 116 -6.70 5.10 12.90
N TYR A 117 -5.65 5.80 13.34
CA TYR A 117 -5.10 6.90 12.54
C TYR A 117 -4.58 6.40 11.18
N VAL A 118 -3.79 5.29 11.13
CA VAL A 118 -3.31 4.75 9.86
C VAL A 118 -4.50 4.43 8.92
N CYS A 119 -5.56 3.77 9.48
CA CYS A 119 -6.72 3.40 8.67
C CYS A 119 -7.44 4.64 8.12
N ARG A 120 -7.58 5.69 8.93
CA ARG A 120 -8.23 6.94 8.46
C ARG A 120 -7.40 7.50 7.29
N GLU A 121 -6.07 7.54 7.44
CA GLU A 121 -5.19 8.12 6.41
C GLU A 121 -5.22 7.30 5.11
N VAL A 122 -5.23 5.97 5.24
CA VAL A 122 -5.30 5.10 4.07
C VAL A 122 -6.68 5.25 3.43
N LEU A 123 -7.76 5.34 4.22
CA LEU A 123 -9.10 5.52 3.62
C LEU A 123 -9.19 6.81 2.85
N GLN A 124 -8.50 7.88 3.31
CA GLN A 124 -8.50 9.15 2.57
C GLN A 124 -7.84 8.95 1.20
N GLY A 125 -6.73 8.22 1.17
CA GLY A 125 -6.05 7.92 -0.09
C GLY A 125 -6.94 7.09 -1.02
N LEU A 126 -7.58 6.07 -0.47
CA LEU A 126 -8.44 5.17 -1.24
C LEU A 126 -9.67 5.87 -1.77
N ALA A 127 -10.29 6.74 -0.98
CA ALA A 127 -11.46 7.50 -1.42
C ALA A 127 -11.08 8.36 -2.64
N TYR A 128 -9.86 8.95 -2.62
CA TYR A 128 -9.37 9.75 -3.76
C TYR A 128 -9.21 8.82 -4.99
N LEU A 129 -8.44 7.73 -4.84
CA LEU A 129 -8.22 6.79 -5.92
C LEU A 129 -9.51 6.24 -6.51
N HIS A 130 -10.46 5.88 -5.66
CA HIS A 130 -11.75 5.37 -6.15
C HIS A 130 -12.55 6.45 -6.89
N SER A 131 -12.51 7.72 -6.42
CA SER A 131 -13.18 8.81 -7.13
C SER A 131 -12.57 9.02 -8.53
N GLN A 132 -11.28 8.63 -8.72
CA GLN A 132 -10.56 8.70 -9.98
C GLN A 132 -10.69 7.39 -10.82
N LYS A 133 -11.60 6.50 -10.43
CA LYS A 133 -11.91 5.25 -11.12
C LYS A 133 -10.75 4.25 -11.17
N LYS A 134 -9.88 4.32 -10.14
CA LYS A 134 -8.74 3.42 -9.94
C LYS A 134 -9.02 2.42 -8.81
N ILE A 135 -8.42 1.25 -8.90
CA ILE A 135 -8.51 0.23 -7.84
C ILE A 135 -7.06 0.00 -7.45
N HIS A 136 -6.76 0.19 -6.16
CA HIS A 136 -5.39 0.04 -5.69
C HIS A 136 -4.92 -1.42 -5.83
N ARG A 137 -5.70 -2.38 -5.29
CA ARG A 137 -5.42 -3.82 -5.41
C ARG A 137 -4.06 -4.29 -4.83
N ASP A 138 -3.42 -3.48 -3.98
CA ASP A 138 -2.13 -3.85 -3.38
C ASP A 138 -1.98 -3.28 -1.97
N ILE A 139 -3.10 -3.13 -1.23
CA ILE A 139 -3.06 -2.58 0.14
C ILE A 139 -2.52 -3.64 1.12
N LYS A 140 -1.46 -3.31 1.85
CA LYS A 140 -0.86 -4.13 2.89
C LYS A 140 0.16 -3.24 3.65
N GLY A 141 0.58 -3.66 4.83
CA GLY A 141 1.48 -2.87 5.65
C GLY A 141 2.78 -2.47 4.95
N ALA A 142 3.36 -3.40 4.14
CA ALA A 142 4.61 -3.12 3.42
C ALA A 142 4.44 -2.03 2.37
N ASN A 143 3.20 -1.73 1.97
CA ASN A 143 2.92 -0.73 0.93
C ASN A 143 2.38 0.62 1.49
N ILE A 144 2.42 0.80 2.79
CA ILE A 144 2.03 2.04 3.44
C ILE A 144 3.29 2.54 4.12
N LEU A 145 3.76 3.69 3.68
CA LEU A 145 5.01 4.31 4.12
C LEU A 145 4.76 5.41 5.11
N ILE A 146 5.77 5.68 5.97
CA ILE A 146 5.69 6.70 6.99
C ILE A 146 6.93 7.60 6.88
N ASN A 147 6.76 8.93 6.90
CA ASN A 147 7.93 9.83 6.87
C ASN A 147 8.32 10.20 8.32
N ASP A 148 9.38 11.02 8.51
CA ASP A 148 9.82 11.39 9.85
C ASP A 148 8.84 12.28 10.61
N ALA A 149 7.87 12.90 9.91
CA ALA A 149 6.85 13.70 10.57
C ALA A 149 5.62 12.87 11.05
N GLY A 150 5.63 11.55 10.80
CA GLY A 150 4.53 10.67 11.19
C GLY A 150 3.37 10.65 10.20
N GLU A 151 3.55 11.23 9.01
CA GLU A 151 2.52 11.24 7.98
C GLU A 151 2.43 9.89 7.32
N VAL A 152 1.23 9.52 6.92
CA VAL A 152 0.98 8.21 6.35
C VAL A 152 0.75 8.36 4.85
N ARG A 153 1.49 7.59 4.03
CA ARG A 153 1.32 7.66 2.58
C ARG A 153 1.37 6.29 1.96
N LEU A 154 0.45 6.05 1.04
CA LEU A 154 0.49 4.86 0.21
C LEU A 154 1.77 4.98 -0.68
N ALA A 155 2.56 3.92 -0.77
CA ALA A 155 3.80 3.95 -1.56
C ALA A 155 3.52 4.32 -3.04
N ASP A 156 2.41 3.87 -3.59
CA ASP A 156 1.99 4.22 -4.94
C ASP A 156 0.45 4.09 -5.05
N PHE A 157 -0.11 4.32 -6.25
CA PHE A 157 -1.55 4.17 -6.37
C PHE A 157 -1.98 2.74 -6.74
N GLY A 158 -1.11 1.75 -6.52
CA GLY A 158 -1.44 0.35 -6.69
C GLY A 158 -0.86 -0.36 -7.90
N ILE A 159 -1.48 -1.50 -8.25
CA ILE A 159 -0.95 -2.31 -9.35
C ILE A 159 -1.04 -1.60 -10.70
N SER A 160 -1.96 -0.63 -10.86
CA SER A 160 -2.07 0.09 -12.14
C SER A 160 -0.93 1.15 -12.33
N ALA A 161 -0.18 1.47 -11.25
CA ALA A 161 0.95 2.42 -11.37
C ALA A 161 2.21 1.75 -11.93
N GLN A 162 2.19 0.42 -12.09
CA GLN A 162 3.32 -0.35 -12.55
C GLN A 162 3.64 -0.18 -14.02
N ILE A 163 4.82 0.37 -14.33
CA ILE A 163 5.33 0.51 -15.69
C ILE A 163 6.53 -0.44 -15.75
N GLY A 164 6.45 -1.48 -16.58
CA GLY A 164 7.52 -2.47 -16.63
C GLY A 164 7.18 -3.61 -15.66
N ALA A 165 7.19 -4.88 -16.12
CA ALA A 165 6.88 -6.04 -15.26
C ALA A 165 5.49 -5.97 -14.59
N GLU A 166 4.54 -5.35 -15.29
CA GLU A 166 3.18 -5.18 -14.77
C GLU A 166 2.47 -6.52 -14.48
N LEU A 167 2.62 -7.50 -15.37
CA LEU A 167 1.90 -8.77 -15.21
C LEU A 167 2.31 -9.52 -13.93
N ALA A 168 3.63 -9.64 -13.66
CA ALA A 168 4.14 -10.30 -12.46
C ALA A 168 3.60 -9.62 -11.20
N ARG A 169 3.54 -8.28 -11.21
CA ARG A 169 2.99 -7.56 -10.09
C ARG A 169 1.47 -7.81 -9.95
N ARG A 170 0.75 -7.84 -11.08
CA ARG A 170 -0.69 -8.06 -11.08
C ARG A 170 -1.05 -9.47 -10.54
N LEU A 171 -0.20 -10.47 -10.87
CA LEU A 171 -0.46 -11.84 -10.47
C LEU A 171 0.22 -12.27 -9.18
N GLU A 172 1.05 -11.42 -8.59
CA GLU A 172 1.81 -11.77 -7.39
C GLU A 172 0.92 -12.33 -6.25
N PHE A 173 -0.30 -11.76 -6.04
CA PHE A 173 -1.18 -12.20 -4.96
C PHE A 173 -1.49 -13.69 -5.00
N ILE A 174 -1.40 -14.34 -6.16
CA ILE A 174 -1.68 -15.77 -6.28
C ILE A 174 -0.72 -16.59 -5.37
N GLY A 175 0.54 -16.14 -5.26
CA GLY A 175 1.53 -16.73 -4.36
C GLY A 175 1.49 -16.15 -2.95
N THR A 176 0.76 -15.07 -2.73
CA THR A 176 0.62 -14.44 -1.41
C THR A 176 -0.76 -13.72 -1.35
N PRO A 177 -1.84 -14.49 -1.19
CA PRO A 177 -3.19 -13.91 -1.32
C PRO A 177 -3.82 -13.40 -0.05
N TYR A 178 -3.04 -13.36 1.04
CA TYR A 178 -3.52 -13.07 2.39
C TYR A 178 -4.28 -11.74 2.55
N TRP A 179 -3.94 -10.74 1.74
CA TRP A 179 -4.59 -9.42 1.84
C TRP A 179 -5.77 -9.21 0.85
N MET A 180 -5.98 -10.13 -0.10
CA MET A 180 -6.98 -9.97 -1.15
C MET A 180 -8.38 -10.41 -0.73
N ALA A 181 -9.40 -9.68 -1.20
CA ALA A 181 -10.80 -9.99 -0.87
C ALA A 181 -11.17 -11.32 -1.54
N PRO A 182 -12.20 -12.03 -1.04
CA PRO A 182 -12.59 -13.30 -1.69
C PRO A 182 -12.89 -13.18 -3.19
N GLU A 183 -13.49 -12.04 -3.63
CA GLU A 183 -13.83 -11.87 -5.04
C GLU A 183 -12.59 -11.73 -5.93
N VAL A 184 -11.47 -11.22 -5.39
CA VAL A 184 -10.20 -11.17 -6.13
C VAL A 184 -9.54 -12.56 -6.13
N ALA A 185 -9.56 -13.26 -4.95
CA ALA A 185 -8.99 -14.62 -4.81
C ALA A 185 -9.64 -15.61 -5.77
N ALA A 186 -10.87 -15.34 -6.26
CA ALA A 186 -11.55 -16.22 -7.21
C ALA A 186 -11.02 -15.89 -8.63
N VAL A 187 -9.68 -15.83 -8.77
CA VAL A 187 -8.96 -15.43 -9.98
C VAL A 187 -9.24 -16.36 -11.14
N ALA A 188 -9.37 -15.78 -12.34
CA ALA A 188 -9.58 -16.54 -13.59
C ALA A 188 -10.95 -17.24 -13.69
N LEU A 189 -11.90 -16.83 -12.87
CA LEU A 189 -13.30 -17.29 -12.93
C LEU A 189 -14.18 -16.10 -13.42
N LYS A 190 -15.46 -16.34 -13.68
CA LYS A 190 -16.32 -15.36 -14.31
C LYS A 190 -16.57 -14.04 -13.55
N GLY A 191 -16.51 -14.06 -12.23
CA GLY A 191 -16.88 -12.95 -11.36
C GLY A 191 -16.41 -11.51 -11.54
N GLY A 192 -15.12 -11.28 -11.63
CA GLY A 192 -14.62 -9.91 -11.63
C GLY A 192 -14.72 -9.29 -10.23
N TYR A 193 -14.32 -8.02 -10.10
CA TYR A 193 -14.35 -7.35 -8.80
C TYR A 193 -14.47 -5.83 -9.03
N ASN A 194 -14.57 -5.07 -7.93
CA ASN A 194 -14.63 -3.63 -8.04
C ASN A 194 -13.76 -3.00 -6.92
N GLU A 195 -13.74 -1.67 -6.83
CA GLU A 195 -12.94 -0.92 -5.87
C GLU A 195 -13.14 -1.36 -4.39
N LEU A 196 -14.29 -1.99 -4.07
CA LEU A 196 -14.55 -2.44 -2.70
C LEU A 196 -13.60 -3.54 -2.22
N CYS A 197 -12.86 -4.20 -3.14
CA CYS A 197 -11.83 -5.17 -2.71
C CYS A 197 -10.75 -4.44 -1.88
N ASP A 198 -10.50 -3.14 -2.14
CA ASP A 198 -9.53 -2.34 -1.35
C ASP A 198 -9.94 -2.21 0.14
N ILE A 199 -11.25 -2.13 0.41
CA ILE A 199 -11.80 -2.01 1.75
C ILE A 199 -11.51 -3.29 2.56
N TRP A 200 -11.72 -4.46 1.93
CA TRP A 200 -11.39 -5.74 2.57
C TRP A 200 -9.88 -5.77 2.88
N SER A 201 -9.04 -5.34 1.90
CA SER A 201 -7.58 -5.37 2.10
C SER A 201 -7.14 -4.46 3.24
N LEU A 202 -7.86 -3.31 3.42
CA LEU A 202 -7.58 -2.41 4.52
C LEU A 202 -7.93 -3.08 5.88
N GLY A 203 -9.02 -3.83 5.92
CA GLY A 203 -9.42 -4.60 7.09
C GLY A 203 -8.37 -5.63 7.46
N ILE A 204 -7.85 -6.35 6.45
CA ILE A 204 -6.77 -7.34 6.70
C ILE A 204 -5.52 -6.61 7.24
N THR A 205 -5.18 -5.48 6.64
CA THR A 205 -4.05 -4.69 7.05
C THR A 205 -4.17 -4.22 8.51
N ALA A 206 -5.37 -3.83 8.95
CA ALA A 206 -5.59 -3.41 10.35
C ALA A 206 -5.26 -4.64 11.29
N ILE A 207 -5.66 -5.85 10.90
CA ILE A 207 -5.29 -7.07 11.65
C ILE A 207 -3.77 -7.27 11.65
N GLU A 208 -3.14 -7.09 10.51
CA GLU A 208 -1.68 -7.18 10.35
C GLU A 208 -0.95 -6.23 11.31
N LEU A 209 -1.41 -4.99 11.42
CA LEU A 209 -0.75 -4.02 12.32
C LEU A 209 -0.95 -4.40 13.81
N ALA A 210 -2.07 -5.03 14.11
CA ALA A 210 -2.40 -5.52 15.45
C ALA A 210 -1.68 -6.83 15.78
N GLU A 211 -1.36 -7.67 14.79
CA GLU A 211 -0.88 -9.05 15.05
C GLU A 211 0.46 -9.44 14.43
N LEU A 212 1.05 -8.51 13.65
CA LEU A 212 2.34 -8.67 12.98
C LEU A 212 2.33 -9.57 11.77
N GLN A 213 1.14 -10.04 11.38
CA GLN A 213 0.97 -10.83 10.18
C GLN A 213 -0.52 -10.85 9.86
N PRO A 214 -0.84 -11.03 8.57
CA PRO A 214 -2.27 -11.16 8.22
C PRO A 214 -2.81 -12.53 8.64
N PRO A 215 -4.15 -12.67 8.72
CA PRO A 215 -4.73 -13.99 9.07
C PRO A 215 -4.30 -15.09 8.09
N LEU A 216 -4.13 -16.30 8.58
CA LEU A 216 -3.72 -17.45 7.74
C LEU A 216 -2.34 -17.30 7.05
N PHE A 217 -1.47 -16.35 7.49
CA PHE A 217 -0.13 -16.15 6.88
C PHE A 217 0.72 -17.42 6.78
N ASP A 218 0.59 -18.33 7.74
CA ASP A 218 1.30 -19.63 7.82
C ASP A 218 0.72 -20.72 6.95
N VAL A 219 -0.45 -20.48 6.35
CA VAL A 219 -1.11 -21.48 5.54
C VAL A 219 -0.59 -21.31 4.11
N HIS A 220 -0.34 -22.44 3.40
CA HIS A 220 0.13 -22.42 2.02
C HIS A 220 -0.80 -21.56 1.14
N PRO A 221 -0.22 -20.64 0.34
CA PRO A 221 -1.07 -19.71 -0.45
C PRO A 221 -2.17 -20.36 -1.26
N LEU A 222 -1.93 -21.53 -1.81
CA LEU A 222 -2.94 -22.23 -2.61
C LEU A 222 -4.09 -22.79 -1.74
N ARG A 223 -3.80 -23.12 -0.47
CA ARG A 223 -4.85 -23.55 0.45
C ARG A 223 -5.68 -22.33 0.86
N VAL A 224 -5.05 -21.15 1.03
CA VAL A 224 -5.76 -19.94 1.37
C VAL A 224 -6.72 -19.54 0.24
N LEU A 225 -6.26 -19.62 -1.03
CA LEU A 225 -7.12 -19.27 -2.18
C LEU A 225 -8.33 -20.20 -2.20
N PHE A 226 -8.12 -21.50 -1.94
CA PHE A 226 -9.16 -22.51 -1.91
C PHE A 226 -10.19 -22.20 -0.80
N LEU A 227 -9.73 -22.01 0.46
CA LEU A 227 -10.62 -21.78 1.60
C LEU A 227 -11.43 -20.50 1.49
N MET A 228 -10.74 -19.40 1.18
CA MET A 228 -11.30 -18.04 1.14
C MET A 228 -12.41 -17.86 0.14
N THR A 229 -12.43 -18.67 -0.90
CA THR A 229 -13.47 -18.60 -1.92
C THR A 229 -14.55 -19.68 -1.74
N LYS A 230 -14.49 -20.48 -0.65
CA LYS A 230 -15.53 -21.50 -0.41
C LYS A 230 -16.78 -20.77 0.09
N SER A 231 -17.96 -21.36 -0.15
CA SER A 231 -19.22 -20.73 0.26
C SER A 231 -19.28 -20.44 1.76
N GLY A 232 -18.87 -21.40 2.58
CA GLY A 232 -18.88 -21.25 4.02
C GLY A 232 -17.70 -20.53 4.66
N TYR A 233 -16.87 -19.80 3.88
CA TYR A 233 -15.71 -19.09 4.45
C TYR A 233 -16.12 -18.07 5.49
N GLN A 234 -15.54 -18.16 6.68
CA GLN A 234 -15.83 -17.18 7.72
C GLN A 234 -14.76 -16.11 7.66
N PRO A 235 -15.13 -14.86 7.38
CA PRO A 235 -14.11 -13.79 7.36
C PRO A 235 -13.28 -13.74 8.64
N PRO A 236 -11.99 -13.39 8.53
CA PRO A 236 -11.14 -13.32 9.73
C PRO A 236 -11.61 -12.37 10.82
N ARG A 237 -11.10 -12.60 12.04
CA ARG A 237 -11.35 -11.77 13.22
C ARG A 237 -10.03 -11.53 13.97
N LEU A 238 -9.97 -10.51 14.83
CA LEU A 238 -8.80 -10.31 15.69
C LEU A 238 -8.72 -11.49 16.69
N LYS A 239 -7.50 -11.99 16.95
CA LYS A 239 -7.24 -13.15 17.82
C LYS A 239 -7.44 -12.92 19.31
N GLU A 240 -7.31 -11.68 19.78
CA GLU A 240 -7.51 -11.38 21.21
C GLU A 240 -8.68 -10.41 21.43
N LYS A 241 -9.91 -10.93 21.59
CA LYS A 241 -11.12 -10.13 21.78
C LYS A 241 -11.01 -9.02 22.86
N GLY A 242 -10.43 -9.39 24.01
CA GLY A 242 -10.26 -8.48 25.13
C GLY A 242 -9.31 -7.31 24.94
N LYS A 243 -8.24 -7.46 24.17
CA LYS A 243 -7.28 -6.36 23.96
C LYS A 243 -7.92 -5.20 23.16
N TRP A 244 -8.85 -5.51 22.28
CA TRP A 244 -9.43 -4.52 21.39
C TRP A 244 -10.83 -4.07 21.77
N SER A 245 -11.19 -2.86 21.39
CA SER A 245 -12.51 -2.32 21.72
C SER A 245 -13.60 -2.88 20.80
N ALA A 246 -14.87 -2.64 21.17
CA ALA A 246 -16.01 -3.02 20.35
C ALA A 246 -15.96 -2.28 19.00
N ALA A 247 -15.53 -1.00 18.98
CA ALA A 247 -15.42 -0.25 17.72
C ALA A 247 -14.40 -0.89 16.75
N PHE A 248 -13.21 -1.32 17.26
CA PHE A 248 -12.21 -2.00 16.41
C PHE A 248 -12.79 -3.30 15.88
N HIS A 249 -13.40 -4.13 16.75
CA HIS A 249 -14.04 -5.39 16.30
C HIS A 249 -15.11 -5.11 15.23
N ASN A 250 -15.93 -4.05 15.40
CA ASN A 250 -16.94 -3.70 14.41
C ASN A 250 -16.28 -3.24 13.09
N PHE A 251 -15.22 -2.44 13.14
CA PHE A 251 -14.50 -1.98 11.94
C PHE A 251 -14.00 -3.21 11.15
N ILE A 252 -13.48 -4.22 11.86
CA ILE A 252 -13.01 -5.44 11.20
C ILE A 252 -14.23 -6.17 10.59
N LYS A 253 -15.31 -6.28 11.37
CA LYS A 253 -16.53 -6.94 10.88
C LYS A 253 -17.06 -6.33 9.56
N VAL A 254 -17.15 -4.99 9.49
CA VAL A 254 -17.74 -4.36 8.30
C VAL A 254 -16.78 -4.30 7.09
N THR A 255 -15.46 -4.01 7.31
CA THR A 255 -14.50 -3.97 6.20
C THR A 255 -14.33 -5.39 5.62
N LEU A 256 -14.41 -6.43 6.47
CA LEU A 256 -14.31 -7.81 6.04
C LEU A 256 -15.65 -8.46 5.73
N THR A 257 -16.59 -7.70 5.14
CA THR A 257 -17.85 -8.28 4.71
C THR A 257 -17.56 -9.14 3.49
N LYS A 258 -17.98 -10.40 3.51
CA LYS A 258 -17.70 -11.33 2.40
C LYS A 258 -18.25 -10.82 1.07
N SER A 259 -19.54 -10.42 1.03
CA SER A 259 -20.10 -9.92 -0.22
C SER A 259 -19.70 -8.48 -0.50
N PRO A 260 -19.13 -8.21 -1.69
CA PRO A 260 -18.83 -6.82 -2.06
C PRO A 260 -20.09 -5.94 -2.17
N LYS A 261 -21.26 -6.56 -2.46
CA LYS A 261 -22.49 -5.79 -2.53
C LYS A 261 -23.00 -5.32 -1.14
N LYS A 262 -22.41 -5.83 -0.05
CA LYS A 262 -22.72 -5.45 1.34
C LYS A 262 -21.61 -4.69 2.03
N ARG A 263 -20.42 -4.59 1.38
CA ARG A 263 -19.23 -3.97 1.95
C ARG A 263 -19.29 -2.46 1.77
N PRO A 264 -18.98 -1.69 2.82
CA PRO A 264 -19.03 -0.22 2.70
C PRO A 264 -17.90 0.38 1.88
N SER A 265 -18.18 1.53 1.28
CA SER A 265 -17.20 2.26 0.48
C SER A 265 -16.14 2.94 1.34
N ALA A 266 -15.05 3.46 0.72
CA ALA A 266 -14.01 4.20 1.47
C ALA A 266 -14.63 5.46 2.08
N THR A 267 -15.45 6.20 1.31
CA THR A 267 -16.10 7.41 1.85
C THR A 267 -17.01 7.05 3.03
N LYS A 268 -17.78 5.96 2.91
CA LYS A 268 -18.65 5.54 4.02
C LYS A 268 -17.82 5.15 5.26
N MET A 269 -16.74 4.35 5.04
CA MET A 269 -15.86 3.95 6.14
C MET A 269 -15.24 5.15 6.84
N LEU A 270 -15.05 6.29 6.15
CA LEU A 270 -14.46 7.48 6.82
C LEU A 270 -15.32 8.07 7.95
N SER A 271 -16.61 7.71 8.00
CA SER A 271 -17.46 8.19 9.13
C SER A 271 -17.63 7.08 10.20
N HIS A 272 -16.94 5.92 10.07
CA HIS A 272 -17.02 4.86 11.08
C HIS A 272 -16.44 5.37 12.39
N GLN A 273 -17.05 5.00 13.51
CA GLN A 273 -16.59 5.41 14.84
C GLN A 273 -15.08 5.25 15.07
N LEU A 274 -14.47 4.14 14.58
CA LEU A 274 -13.03 3.92 14.81
C LEU A 274 -12.13 5.01 14.22
N VAL A 275 -12.45 5.47 13.00
CA VAL A 275 -11.60 6.43 12.30
C VAL A 275 -12.07 7.87 12.35
N SER A 276 -13.31 8.12 12.78
CA SER A 276 -13.81 9.48 12.92
C SER A 276 -13.67 10.00 14.38
N GLN A 277 -13.10 9.18 15.31
CA GLN A 277 -12.92 9.54 16.73
C GLN A 277 -11.91 10.67 16.94
N PRO A 278 -12.05 11.50 18.00
CA PRO A 278 -11.07 12.59 18.20
C PRO A 278 -9.67 12.10 18.58
N GLY A 279 -8.68 12.99 18.46
CA GLY A 279 -7.31 12.71 18.84
C GLY A 279 -6.49 11.84 17.90
N LEU A 280 -7.00 11.56 16.68
CA LEU A 280 -6.21 10.77 15.71
C LEU A 280 -5.37 11.75 14.90
N ASN A 281 -4.05 11.72 15.07
CA ASN A 281 -3.15 12.63 14.38
C ASN A 281 -1.73 12.03 14.32
N ARG A 282 -0.82 12.68 13.54
CA ARG A 282 0.55 12.20 13.33
C ARG A 282 1.35 12.02 14.61
N GLY A 283 0.96 12.71 15.70
CA GLY A 283 1.60 12.56 17.01
C GLY A 283 1.59 11.12 17.49
N LEU A 284 0.54 10.37 17.15
CA LEU A 284 0.44 8.95 17.50
C LEU A 284 1.55 8.11 16.84
N ILE A 285 1.93 8.49 15.60
CA ILE A 285 2.97 7.79 14.85
C ILE A 285 4.35 8.30 15.26
N LEU A 286 4.46 9.57 15.70
CA LEU A 286 5.71 10.08 16.29
C LEU A 286 6.02 9.26 17.56
N ASP A 287 5.00 8.96 18.39
CA ASP A 287 5.19 8.11 19.58
C ASP A 287 5.69 6.71 19.15
N LEU A 288 5.10 6.15 18.09
CA LEU A 288 5.51 4.86 17.54
C LEU A 288 7.00 4.88 17.06
N LEU A 289 7.40 5.96 16.36
CA LEU A 289 8.78 6.11 15.86
C LEU A 289 9.80 6.32 16.98
N ASP A 290 9.36 6.84 18.14
CA ASP A 290 10.22 6.98 19.32
C ASP A 290 10.58 5.59 19.86
N LYS A 291 9.66 4.60 19.74
CA LYS A 291 9.90 3.21 20.13
C LYS A 291 11.04 2.58 19.33
N LEU A 292 11.32 3.08 18.11
CA LEU A 292 12.41 2.56 17.25
C LEU A 292 13.77 2.78 17.91
N LYS A 293 13.94 3.92 18.61
CA LYS A 293 15.18 4.28 19.30
C LYS A 293 15.54 3.30 20.45
N ASN A 294 14.56 2.51 20.93
CA ASN A 294 14.75 1.56 22.02
C ASN A 294 14.12 0.19 21.75
C1 A1ITC B . 6.35 -0.81 -1.82
C2 A1ITC B . 7.41 0.93 -2.44
C3 A1ITC B . 6.57 0.59 -3.48
N6 A1ITC B . 14.09 1.69 6.04
C7 A1ITC B . 8.27 2.05 -2.58
C8 A1ITC B . 9.17 2.49 -1.48
C9 A1ITC B . 9.86 1.61 -0.60
C10 A1ITC B . 10.77 3.37 0.52
C11 A1ITC B . 10.09 4.26 -0.34
C12 A1ITC B . 10.19 5.77 -0.24
C13 A1ITC B . 12.20 3.31 2.63
C14 A1ITC B . 12.30 1.93 2.80
C15 A1ITC B . 12.93 1.40 3.91
C16 A1ITC B . 13.46 2.23 4.89
C19 A1ITC B . 14.05 2.54 7.24
C20 A1ITC B . 14.81 1.91 8.40
C21 A1ITC B . 14.50 -0.24 7.51
C22 A1ITC B . 13.72 0.30 6.34
O A1ITC B . 10.92 6.33 0.60
N4 A1ITC B . 9.43 6.47 -1.09
N3 A1ITC B . 9.30 3.81 -1.33
N1 A1ITC B . 7.27 0.03 -1.39
C6 A1ITC B . 8.19 2.78 -3.76
C5 A1ITC B . 7.33 2.42 -4.79
C4 A1ITC B . 6.50 1.31 -4.67
N A1ITC B . 5.90 -0.53 -3.07
C A1ITC B . 4.88 -1.25 -3.83
N2 A1ITC B . 10.66 2.04 0.39
N5 A1ITC B . 11.57 3.88 1.50
C18 A1ITC B . 12.73 4.15 3.61
C17 A1ITC B . 13.34 3.61 4.72
O1 A1ITC B . 14.33 0.58 8.67
#